data_2VRB
#
_entry.id   2VRB
#
_cell.length_a   58.800
_cell.length_b   141.645
_cell.length_c   75.811
_cell.angle_alpha   90.00
_cell.angle_beta   90.00
_cell.angle_gamma   90.00
#
_symmetry.space_group_name_H-M   'C 2 2 21'
#
loop_
_entity.id
_entity.type
_entity.pdbx_description
1 polymer 'TRIPHENYLMETHANE REDUCTASE'
2 non-polymer 'NADP NICOTINAMIDE-ADENINE-DINUCLEOTIDE PHOSPHATE'
3 water water
#
_entity_poly.entity_id   1
_entity_poly.type   'polypeptide(L)'
_entity_poly.pdbx_seq_one_letter_code
;MSIAVTGATGQLGGLVIQHLLKKVPASQIIAIVRNVEKASTLADQGVEVRHGDYNQPESLQKAFAGVSKLLFISGPHYDN
TLLIVQHANVVKAARDAGVKHIAYTGYAFAEESIIPLAHVHLATEYAIRTTNIPYTFLRNALYTDFFVNEGLRASTESGA
IVTNAGSGIVNSVTRNELALAAATVLTEEGHENKTYNLVSNQPWTFDELAQILSEVSGKKVVHQPVSFEEEKNFLVNAGV
PEPFAEITAAIYDAISKGEASKTSDDLQKLIGSLTPLKETVKQALKM
;
_entity_poly.pdbx_strand_id   A
#
loop_
_chem_comp.id
_chem_comp.type
_chem_comp.name
_chem_comp.formula
NAP non-polymer 'NADP NICOTINAMIDE-ADENINE-DINUCLEOTIDE PHOSPHATE' 'C21 H28 N7 O17 P3'
#
# COMPACT_ATOMS: atom_id res chain seq x y z
N SER A 2 12.39 -7.16 -18.71
CA SER A 2 12.33 -5.70 -18.38
C SER A 2 11.14 -5.37 -17.48
N ILE A 3 11.44 -4.96 -16.25
CA ILE A 3 10.40 -4.74 -15.24
C ILE A 3 10.39 -3.27 -14.81
N ALA A 4 9.25 -2.59 -15.02
CA ALA A 4 9.12 -1.18 -14.64
C ALA A 4 8.20 -1.04 -13.45
N VAL A 5 8.48 -0.05 -12.61
CA VAL A 5 7.80 0.12 -11.35
C VAL A 5 7.47 1.59 -11.26
N THR A 6 6.21 1.95 -11.19
CA THR A 6 5.84 3.36 -11.03
C THR A 6 5.88 3.68 -9.54
N GLY A 7 5.79 4.95 -9.16
CA GLY A 7 5.86 5.26 -7.72
C GLY A 7 7.16 4.81 -7.09
N ALA A 8 8.21 4.78 -7.90
CA ALA A 8 9.48 4.16 -7.51
C ALA A 8 10.25 4.89 -6.40
N THR A 9 9.98 6.19 -6.22
CA THR A 9 10.62 6.90 -5.11
C THR A 9 9.74 6.93 -3.86
N GLY A 10 8.52 6.39 -3.99
CA GLY A 10 7.63 6.26 -2.84
C GLY A 10 8.05 5.14 -1.93
N GLN A 11 7.33 4.97 -0.82
CA GLN A 11 7.75 3.97 0.16
C GLN A 11 7.63 2.54 -0.35
N LEU A 12 6.45 2.19 -0.89
CA LEU A 12 6.21 0.84 -1.40
C LEU A 12 7.14 0.54 -2.60
N GLY A 13 7.11 1.41 -3.62
CA GLY A 13 7.93 1.25 -4.84
C GLY A 13 9.43 1.13 -4.56
N GLY A 14 9.95 1.95 -3.68
CA GLY A 14 11.36 1.80 -3.23
C GLY A 14 11.66 0.41 -2.68
N LEU A 15 10.78 -0.12 -1.83
CA LEU A 15 10.94 -1.48 -1.30
C LEU A 15 10.78 -2.57 -2.35
N VAL A 16 9.86 -2.39 -3.28
CA VAL A 16 9.74 -3.32 -4.41
C VAL A 16 11.08 -3.45 -5.17
N ILE A 17 11.68 -2.31 -5.49
CA ILE A 17 12.93 -2.28 -6.24
C ILE A 17 14.05 -2.96 -5.46
N GLN A 18 14.12 -2.70 -4.15
CA GLN A 18 15.12 -3.37 -3.33
C GLN A 18 14.89 -4.89 -3.32
N HIS A 19 13.63 -5.34 -3.27
CA HIS A 19 13.34 -6.77 -3.44
C HIS A 19 13.65 -7.33 -4.84
N LEU A 20 13.34 -6.58 -5.89
CA LEU A 20 13.69 -6.98 -7.24
C LEU A 20 15.20 -7.04 -7.45
N LEU A 21 15.93 -6.15 -6.78
CA LEU A 21 17.40 -6.12 -6.84
C LEU A 21 18.03 -7.40 -6.27
N LYS A 22 17.30 -8.10 -5.41
CA LYS A 22 17.77 -9.40 -4.89
C LYS A 22 17.50 -10.57 -5.84
N LYS A 23 16.70 -10.32 -6.89
CA LYS A 23 16.23 -11.37 -7.80
C LYS A 23 16.68 -11.21 -9.24
N VAL A 24 16.87 -9.95 -9.67
CA VAL A 24 17.30 -9.68 -11.05
C VAL A 24 18.46 -8.66 -11.11
N PRO A 25 19.25 -8.69 -12.20
CA PRO A 25 20.25 -7.61 -12.32
C PRO A 25 19.54 -6.26 -12.42
N ALA A 26 20.23 -5.21 -11.99
CA ALA A 26 19.65 -3.87 -11.98
C ALA A 26 19.31 -3.41 -13.40
N SER A 27 20.03 -3.99 -14.37
CA SER A 27 19.85 -3.72 -15.80
C SER A 27 18.38 -3.79 -16.21
N GLN A 28 17.67 -4.81 -15.72
CA GLN A 28 16.30 -5.09 -16.16
C GLN A 28 15.23 -4.23 -15.47
N ILE A 29 15.61 -3.47 -14.47
CA ILE A 29 14.64 -2.70 -13.70
C ILE A 29 14.60 -1.23 -14.17
N ILE A 30 13.40 -0.71 -14.41
CA ILE A 30 13.20 0.67 -14.78
C ILE A 30 12.38 1.31 -13.67
N ALA A 31 12.89 2.39 -13.09
CA ALA A 31 12.14 3.18 -12.13
C ALA A 31 11.43 4.29 -12.86
N ILE A 32 10.10 4.33 -12.74
CA ILE A 32 9.34 5.40 -13.37
C ILE A 32 8.86 6.31 -12.27
N VAL A 33 9.09 7.57 -12.46
CA VAL A 33 9.19 8.45 -11.34
C VAL A 33 8.72 9.84 -11.81
N ARG A 34 8.09 10.57 -10.90
CA ARG A 34 7.66 11.92 -11.21
C ARG A 34 8.85 12.91 -11.14
N ASN A 35 9.65 12.80 -10.08
CA ASN A 35 10.76 13.69 -9.82
C ASN A 35 12.08 12.94 -10.00
N VAL A 36 12.74 13.25 -11.11
CA VAL A 36 13.93 12.54 -11.54
C VAL A 36 15.12 12.77 -10.60
N GLU A 37 15.21 13.96 -10.01
CA GLU A 37 16.27 14.23 -9.04
C GLU A 37 16.18 13.40 -7.74
N LYS A 38 14.96 13.01 -7.34
CA LYS A 38 14.74 12.16 -6.15
C LYS A 38 15.25 10.73 -6.38
N ALA A 39 15.35 10.34 -7.65
CA ALA A 39 15.69 8.98 -8.05
C ALA A 39 17.17 8.74 -8.26
N SER A 40 18.03 9.67 -7.81
CA SER A 40 19.47 9.53 -8.04
C SER A 40 20.07 8.29 -7.35
N THR A 41 19.77 8.10 -6.07
CA THR A 41 20.15 6.90 -5.32
C THR A 41 19.81 5.57 -6.03
N LEU A 42 18.69 5.55 -6.75
CA LEU A 42 18.32 4.40 -7.58
C LEU A 42 19.28 4.26 -8.75
N ALA A 43 19.59 5.37 -9.40
CA ALA A 43 20.47 5.38 -10.55
C ALA A 43 21.94 5.05 -10.17
N ASP A 44 22.28 5.27 -8.90
CA ASP A 44 23.60 4.90 -8.36
C ASP A 44 23.68 3.37 -8.21
N GLN A 45 22.53 2.75 -7.94
CA GLN A 45 22.38 1.31 -8.14
C GLN A 45 22.26 1.18 -9.66
N GLY A 46 22.13 -0.02 -10.20
CA GLY A 46 22.12 -0.12 -11.66
C GLY A 46 20.81 0.26 -12.35
N VAL A 47 19.87 0.86 -11.61
CA VAL A 47 18.47 1.00 -12.07
C VAL A 47 18.23 2.16 -13.05
N GLU A 48 17.65 1.85 -14.20
CA GLU A 48 17.30 2.89 -15.15
C GLU A 48 16.17 3.75 -14.61
N VAL A 49 16.34 5.07 -14.67
CA VAL A 49 15.31 6.00 -14.23
C VAL A 49 14.61 6.61 -15.44
N ARG A 50 13.28 6.68 -15.39
CA ARG A 50 12.54 7.42 -16.42
C ARG A 50 11.54 8.34 -15.77
N HIS A 51 11.34 9.49 -16.39
CA HIS A 51 10.26 10.39 -16.01
C HIS A 51 8.90 9.88 -16.45
N GLY A 52 7.96 9.80 -15.52
CA GLY A 52 6.59 9.51 -15.86
C GLY A 52 5.71 10.17 -14.85
N ASP A 53 4.87 11.11 -15.30
CA ASP A 53 3.89 11.77 -14.41
C ASP A 53 2.47 11.36 -14.82
N TYR A 54 1.64 10.89 -13.87
CA TYR A 54 0.27 10.41 -14.21
C TYR A 54 -0.65 11.50 -14.77
N ASN A 55 -0.26 12.75 -14.57
CA ASN A 55 -1.03 13.89 -15.08
C ASN A 55 -0.63 14.24 -16.51
N GLN A 56 0.39 13.58 -17.03
CA GLN A 56 0.93 13.93 -18.34
C GLN A 56 1.02 12.68 -19.19
N PRO A 57 -0.03 12.37 -19.97
CA PRO A 57 -0.06 11.26 -20.93
C PRO A 57 1.20 11.07 -21.78
N GLU A 58 1.72 12.16 -22.35
CA GLU A 58 2.92 12.12 -23.19
C GLU A 58 4.13 11.52 -22.47
N SER A 59 4.35 11.92 -21.22
CA SER A 59 5.44 11.37 -20.39
C SER A 59 5.30 9.86 -20.20
N LEU A 60 4.08 9.41 -19.90
CA LEU A 60 3.79 7.98 -19.78
C LEU A 60 4.03 7.18 -21.07
N GLN A 61 3.67 7.74 -22.22
CA GLN A 61 3.94 7.10 -23.53
C GLN A 61 5.43 6.78 -23.65
N LYS A 62 6.24 7.81 -23.42
CA LYS A 62 7.69 7.68 -23.45
C LYS A 62 8.22 6.69 -22.39
N ALA A 63 7.80 6.87 -21.14
CA ALA A 63 8.23 6.02 -20.00
C ALA A 63 7.94 4.52 -20.16
N PHE A 64 6.80 4.18 -20.77
CA PHE A 64 6.40 2.80 -20.90
C PHE A 64 6.92 2.16 -22.17
N ALA A 65 7.59 2.93 -23.04
CA ALA A 65 8.11 2.40 -24.30
C ALA A 65 9.02 1.18 -24.09
N GLY A 66 8.65 0.09 -24.75
CA GLY A 66 9.40 -1.16 -24.69
C GLY A 66 9.41 -1.89 -23.35
N VAL A 67 8.57 -1.51 -22.39
CA VAL A 67 8.53 -2.29 -21.14
C VAL A 67 7.69 -3.56 -21.24
N SER A 68 8.26 -4.65 -20.73
CA SER A 68 7.61 -5.95 -20.73
C SER A 68 6.59 -6.10 -19.59
N LYS A 69 7.03 -5.89 -18.37
CA LYS A 69 6.16 -6.04 -17.21
C LYS A 69 6.09 -4.72 -16.46
N LEU A 70 4.88 -4.28 -16.14
CA LEU A 70 4.70 -3.00 -15.48
C LEU A 70 4.03 -3.23 -14.16
N LEU A 71 4.63 -2.71 -13.10
CA LEU A 71 3.95 -2.63 -11.82
C LEU A 71 3.47 -1.21 -11.64
N PHE A 72 2.15 -1.08 -11.72
CA PHE A 72 1.45 0.15 -11.57
C PHE A 72 1.05 0.24 -10.11
N ILE A 73 1.81 1.05 -9.35
CA ILE A 73 1.51 1.35 -7.97
C ILE A 73 0.58 2.54 -7.95
N SER A 74 -0.53 2.44 -7.22
N SER A 74 -0.53 2.43 -7.23
CA SER A 74 -1.56 3.47 -7.22
CA SER A 74 -1.56 3.47 -7.25
C SER A 74 -1.07 4.88 -6.82
C SER A 74 -1.08 4.87 -6.82
N GLY A 75 -1.79 5.91 -7.27
CA GLY A 75 -1.44 7.29 -6.87
C GLY A 75 -1.85 7.57 -5.42
N PRO A 76 -1.13 8.46 -4.72
CA PRO A 76 -1.54 8.80 -3.37
C PRO A 76 -2.52 9.98 -3.29
N HIS A 77 -2.95 10.55 -4.42
CA HIS A 77 -3.72 11.80 -4.33
C HIS A 77 -4.93 11.64 -3.38
N TYR A 78 -5.31 12.70 -2.68
CA TYR A 78 -6.51 12.69 -1.84
C TYR A 78 -7.82 12.84 -2.62
N ASP A 79 -7.74 13.44 -3.80
CA ASP A 79 -8.92 13.59 -4.66
C ASP A 79 -9.13 12.30 -5.47
N ASN A 80 -10.06 11.47 -5.01
CA ASN A 80 -10.36 10.18 -5.64
C ASN A 80 -10.84 10.29 -7.11
N THR A 81 -11.62 11.32 -7.41
CA THR A 81 -12.13 11.52 -8.76
C THR A 81 -10.98 11.90 -9.71
N LEU A 82 -10.07 12.73 -9.23
CA LEU A 82 -8.84 13.02 -9.96
C LEU A 82 -7.98 11.75 -10.15
N LEU A 83 -7.84 10.97 -9.08
CA LEU A 83 -7.11 9.70 -9.15
C LEU A 83 -7.66 8.76 -10.26
N ILE A 84 -8.96 8.73 -10.48
CA ILE A 84 -9.53 7.93 -11.58
C ILE A 84 -9.05 8.40 -12.96
N VAL A 85 -9.00 9.72 -13.17
CA VAL A 85 -8.40 10.27 -14.40
C VAL A 85 -6.93 9.84 -14.56
N GLN A 86 -6.11 10.01 -13.51
CA GLN A 86 -4.69 9.67 -13.54
C GLN A 86 -4.49 8.20 -13.88
N HIS A 87 -5.20 7.33 -13.15
CA HIS A 87 -5.13 5.89 -13.36
C HIS A 87 -5.58 5.56 -14.76
N ALA A 88 -6.65 6.16 -15.23
CA ALA A 88 -7.08 5.92 -16.65
C ALA A 88 -6.02 6.26 -17.71
N ASN A 89 -5.32 7.39 -17.47
CA ASN A 89 -4.21 7.86 -18.30
C ASN A 89 -3.13 6.82 -18.30
N VAL A 90 -2.81 6.33 -17.11
CA VAL A 90 -1.77 5.31 -16.96
C VAL A 90 -2.15 4.08 -17.75
N VAL A 91 -3.37 3.57 -17.54
CA VAL A 91 -3.79 2.34 -18.22
C VAL A 91 -3.76 2.56 -19.73
N LYS A 92 -4.14 3.75 -20.18
CA LYS A 92 -4.25 3.93 -21.65
C LYS A 92 -2.83 4.00 -22.22
N ALA A 93 -1.90 4.61 -21.48
CA ALA A 93 -0.49 4.69 -21.92
C ALA A 93 0.15 3.29 -22.01
N ALA A 94 -0.16 2.41 -21.06
CA ALA A 94 0.40 1.04 -21.04
C ALA A 94 -0.14 0.21 -22.18
N ARG A 95 -1.42 0.38 -22.50
CA ARG A 95 -2.02 -0.30 -23.65
C ARG A 95 -1.32 0.19 -24.93
N ASP A 96 -1.19 1.52 -25.07
CA ASP A 96 -0.58 2.12 -26.28
C ASP A 96 0.88 1.72 -26.38
N ALA A 97 1.55 1.58 -25.25
CA ALA A 97 2.97 1.23 -25.28
C ALA A 97 3.21 -0.24 -25.56
N GLY A 98 2.15 -1.04 -25.59
CA GLY A 98 2.26 -2.47 -25.77
C GLY A 98 2.86 -3.22 -24.59
N VAL A 99 2.66 -2.69 -23.38
CA VAL A 99 3.07 -3.37 -22.16
C VAL A 99 2.51 -4.81 -22.19
N LYS A 100 3.34 -5.80 -21.85
CA LYS A 100 2.97 -7.20 -21.99
C LYS A 100 2.34 -7.84 -20.75
N HIS A 101 2.58 -7.29 -19.56
CA HIS A 101 1.95 -7.76 -18.34
C HIS A 101 1.85 -6.58 -17.41
N ILE A 102 0.70 -6.44 -16.75
CA ILE A 102 0.57 -5.34 -15.79
C ILE A 102 0.11 -5.89 -14.44
N ALA A 103 0.76 -5.44 -13.38
CA ALA A 103 0.32 -5.71 -12.04
C ALA A 103 -0.11 -4.37 -11.46
N TYR A 104 -1.19 -4.38 -10.69
CA TYR A 104 -1.69 -3.15 -10.12
C TYR A 104 -1.94 -3.38 -8.64
N THR A 105 -1.48 -2.45 -7.79
CA THR A 105 -1.72 -2.54 -6.35
C THR A 105 -3.08 -1.96 -5.97
N GLY A 106 -4.06 -2.83 -5.81
CA GLY A 106 -5.45 -2.46 -5.49
C GLY A 106 -5.70 -2.54 -4.00
N TYR A 107 -6.89 -2.97 -3.61
CA TYR A 107 -7.29 -2.94 -2.19
C TYR A 107 -8.12 -4.20 -1.95
N ALA A 108 -7.75 -4.97 -0.93
CA ALA A 108 -8.30 -6.26 -0.62
C ALA A 108 -9.78 -6.13 -0.38
N PHE A 109 -10.54 -7.10 -0.88
CA PHE A 109 -11.98 -7.16 -0.64
C PHE A 109 -12.72 -5.84 -0.98
N ALA A 110 -12.24 -5.15 -2.03
CA ALA A 110 -12.76 -3.86 -2.40
C ALA A 110 -14.29 -3.82 -2.59
N GLU A 111 -14.85 -4.90 -3.10
CA GLU A 111 -16.27 -4.91 -3.43
C GLU A 111 -17.16 -4.74 -2.18
N GLU A 112 -16.57 -5.04 -1.01
CA GLU A 112 -17.27 -4.99 0.29
C GLU A 112 -16.83 -3.79 1.10
N SER A 113 -15.99 -2.95 0.52
CA SER A 113 -15.51 -1.79 1.26
C SER A 113 -16.56 -0.69 1.36
N ILE A 114 -16.52 0.04 2.48
CA ILE A 114 -17.24 1.31 2.66
C ILE A 114 -16.32 2.54 2.63
N ILE A 115 -15.09 2.36 2.16
CA ILE A 115 -14.16 3.47 1.99
C ILE A 115 -14.17 3.92 0.50
N PRO A 116 -14.33 5.23 0.20
CA PRO A 116 -14.51 5.58 -1.23
C PRO A 116 -13.29 5.27 -2.10
N LEU A 117 -12.11 5.21 -1.51
CA LEU A 117 -10.96 4.84 -2.27
C LEU A 117 -11.11 3.43 -2.88
N ALA A 118 -11.96 2.57 -2.31
CA ALA A 118 -12.09 1.23 -2.86
C ALA A 118 -12.73 1.28 -4.27
N HIS A 119 -13.56 2.29 -4.52
CA HIS A 119 -14.23 2.47 -5.84
C HIS A 119 -13.20 2.89 -6.88
N VAL A 120 -12.17 3.63 -6.49
CA VAL A 120 -11.08 3.99 -7.41
C VAL A 120 -10.34 2.71 -7.87
N HIS A 121 -10.03 1.85 -6.89
CA HIS A 121 -9.27 0.63 -7.21
C HIS A 121 -10.08 -0.29 -8.10
N LEU A 122 -11.35 -0.45 -7.77
CA LEU A 122 -12.26 -1.21 -8.74
C LEU A 122 -12.39 -0.56 -10.10
N ALA A 123 -12.54 0.78 -10.15
CA ALA A 123 -12.60 1.42 -11.50
C ALA A 123 -11.35 1.11 -12.30
N THR A 124 -10.21 1.14 -11.61
CA THR A 124 -8.89 0.91 -12.25
C THR A 124 -8.71 -0.55 -12.71
N GLU A 125 -9.13 -1.50 -11.88
CA GLU A 125 -9.09 -2.91 -12.25
C GLU A 125 -9.93 -3.13 -13.51
N TYR A 126 -11.13 -2.55 -13.55
CA TYR A 126 -11.96 -2.66 -14.79
C TYR A 126 -11.31 -2.00 -15.99
N ALA A 127 -10.69 -0.83 -15.76
CA ALA A 127 -9.90 -0.16 -16.83
C ALA A 127 -8.82 -1.05 -17.38
N ILE A 128 -8.06 -1.69 -16.50
CA ILE A 128 -7.04 -2.69 -16.91
C ILE A 128 -7.64 -3.92 -17.65
N ARG A 129 -8.81 -4.38 -17.21
CA ARG A 129 -9.46 -5.51 -17.92
C ARG A 129 -9.82 -5.15 -19.33
N THR A 130 -10.09 -3.88 -19.58
CA THR A 130 -10.44 -3.44 -20.94
C THR A 130 -9.27 -3.52 -21.88
N THR A 131 -8.04 -3.41 -21.38
CA THR A 131 -6.88 -3.43 -22.27
C THR A 131 -6.60 -4.83 -22.84
N ASN A 132 -7.10 -5.87 -22.18
CA ASN A 132 -6.73 -7.22 -22.50
C ASN A 132 -5.30 -7.65 -22.20
N ILE A 133 -4.52 -6.80 -21.53
CA ILE A 133 -3.15 -7.13 -21.17
C ILE A 133 -3.22 -8.11 -20.01
N PRO A 134 -2.44 -9.23 -20.04
CA PRO A 134 -2.44 -10.17 -18.92
C PRO A 134 -2.15 -9.43 -17.64
N TYR A 135 -2.97 -9.66 -16.59
CA TYR A 135 -2.94 -8.82 -15.38
C TYR A 135 -2.63 -9.57 -14.09
N THR A 136 -2.20 -8.86 -13.04
CA THR A 136 -2.19 -9.40 -11.67
C THR A 136 -2.69 -8.32 -10.78
N PHE A 137 -3.78 -8.61 -10.07
CA PHE A 137 -4.33 -7.63 -9.20
C PHE A 137 -3.86 -7.97 -7.83
N LEU A 138 -3.03 -7.07 -7.32
CA LEU A 138 -2.34 -7.22 -6.06
C LEU A 138 -3.16 -6.45 -5.10
N ARG A 139 -4.12 -7.11 -4.45
CA ARG A 139 -5.07 -6.37 -3.65
C ARG A 139 -4.60 -6.23 -2.19
N ASN A 140 -3.93 -5.10 -1.93
CA ASN A 140 -3.16 -4.94 -0.71
C ASN A 140 -4.10 -4.60 0.46
N ALA A 141 -3.86 -5.18 1.64
CA ALA A 141 -4.49 -4.74 2.89
C ALA A 141 -4.02 -3.33 3.17
N LEU A 142 -4.67 -2.66 4.14
CA LEU A 142 -4.15 -1.46 4.73
C LEU A 142 -2.77 -1.79 5.28
N TYR A 143 -1.88 -0.78 5.38
CA TYR A 143 -0.52 -1.03 5.80
C TYR A 143 -0.44 -1.11 7.32
N THR A 144 0.23 -2.13 7.88
CA THR A 144 0.38 -2.21 9.35
C THR A 144 1.08 -0.93 9.82
N ASP A 145 1.98 -0.44 8.97
CA ASP A 145 2.79 0.77 9.23
C ASP A 145 1.90 2.01 9.41
N PHE A 146 0.67 2.01 8.91
CA PHE A 146 -0.28 3.11 9.15
C PHE A 146 -0.60 3.25 10.64
N PHE A 147 -0.62 2.12 11.35
CA PHE A 147 -1.08 2.03 12.74
C PHE A 147 0.07 1.87 13.71
N VAL A 148 1.14 1.22 13.24
CA VAL A 148 2.30 0.88 14.04
C VAL A 148 3.55 1.59 13.48
N ASN A 149 3.95 2.66 14.13
CA ASN A 149 5.02 3.51 13.62
C ASN A 149 5.63 4.27 14.76
N GLU A 150 6.56 5.20 14.45
CA GLU A 150 7.25 5.91 15.51
C GLU A 150 6.28 6.78 16.33
N GLY A 151 5.14 7.10 15.73
CA GLY A 151 4.06 7.83 16.43
C GLY A 151 3.50 7.13 17.67
N LEU A 152 3.75 5.83 17.80
CA LEU A 152 3.34 5.09 18.99
C LEU A 152 4.00 5.60 20.29
N ARG A 153 5.00 6.46 20.18
CA ARG A 153 5.65 7.02 21.39
C ARG A 153 4.73 8.00 22.11
N ALA A 154 3.92 8.74 21.37
CA ALA A 154 2.87 9.58 21.94
C ALA A 154 1.94 8.76 22.84
N SER A 155 1.66 7.51 22.44
CA SER A 155 0.79 6.62 23.21
C SER A 155 1.48 6.05 24.44
N THR A 156 2.76 5.71 24.30
CA THR A 156 3.54 5.27 25.46
C THR A 156 3.53 6.42 26.50
N GLU A 157 3.90 7.62 26.06
CA GLU A 157 3.80 8.83 26.86
C GLU A 157 2.47 8.92 27.63
N SER A 158 1.34 8.89 26.92
CA SER A 158 0.02 9.16 27.54
C SER A 158 -0.59 7.97 28.25
N GLY A 159 -0.08 6.77 27.98
CA GLY A 159 -0.68 5.54 28.49
C GLY A 159 -1.89 5.05 27.70
N ALA A 160 -2.07 5.54 26.47
CA ALA A 160 -3.30 5.25 25.72
C ALA A 160 -3.08 5.38 24.27
N ILE A 161 -3.60 4.40 23.53
CA ILE A 161 -3.80 4.49 22.08
C ILE A 161 -5.23 4.92 21.85
N VAL A 162 -5.43 6.11 21.30
CA VAL A 162 -6.78 6.65 21.14
C VAL A 162 -7.23 6.48 19.70
N THR A 163 -8.37 5.82 19.48
CA THR A 163 -8.85 5.57 18.10
C THR A 163 -10.35 5.52 18.16
N ASN A 164 -11.01 5.63 17.00
CA ASN A 164 -12.45 5.33 16.94
C ASN A 164 -12.71 4.00 16.19
N ALA A 165 -11.85 2.99 16.41
CA ALA A 165 -11.89 1.70 15.73
C ALA A 165 -12.70 0.70 16.56
N GLY A 166 -13.06 1.07 17.80
CA GLY A 166 -13.75 0.14 18.71
C GLY A 166 -12.99 -1.17 18.82
N SER A 167 -13.69 -2.29 18.81
CA SER A 167 -13.00 -3.57 18.80
C SER A 167 -12.96 -4.20 17.41
N GLY A 168 -12.95 -3.36 16.37
CA GLY A 168 -12.82 -3.84 14.99
C GLY A 168 -11.51 -4.60 14.81
N ILE A 169 -11.54 -5.54 13.90
CA ILE A 169 -10.44 -6.45 13.62
C ILE A 169 -9.65 -5.89 12.43
N VAL A 170 -8.33 -6.12 12.40
CA VAL A 170 -7.46 -5.50 11.43
C VAL A 170 -6.62 -6.59 10.83
N ASN A 171 -6.66 -6.70 9.51
CA ASN A 171 -5.92 -7.73 8.76
C ASN A 171 -4.73 -7.15 8.02
N SER A 172 -4.20 -6.04 8.53
CA SER A 172 -3.13 -5.28 7.90
C SER A 172 -1.86 -6.14 7.73
N VAL A 173 -1.01 -5.75 6.77
CA VAL A 173 0.30 -6.36 6.62
C VAL A 173 1.30 -5.23 6.36
N THR A 174 2.59 -5.51 6.51
CA THR A 174 3.59 -4.44 6.36
C THR A 174 3.80 -4.10 4.88
N ARG A 175 4.10 -2.83 4.60
CA ARG A 175 4.54 -2.39 3.28
C ARG A 175 5.62 -3.35 2.77
N ASN A 176 6.49 -3.83 3.65
CA ASN A 176 7.62 -4.66 3.18
C ASN A 176 7.21 -6.02 2.69
N GLU A 177 6.23 -6.62 3.35
CA GLU A 177 5.72 -7.91 2.91
C GLU A 177 4.95 -7.70 1.62
N LEU A 178 4.24 -6.58 1.54
CA LEU A 178 3.47 -6.30 0.33
C LEU A 178 4.39 -6.04 -0.86
N ALA A 179 5.51 -5.36 -0.61
CA ALA A 179 6.58 -5.16 -1.62
C ALA A 179 7.22 -6.45 -2.11
N LEU A 180 7.52 -7.36 -1.18
CA LEU A 180 8.03 -8.68 -1.51
C LEU A 180 7.07 -9.48 -2.39
N ALA A 181 5.78 -9.41 -2.07
CA ALA A 181 4.72 -10.05 -2.84
C ALA A 181 4.66 -9.53 -4.29
N ALA A 182 4.73 -8.21 -4.46
CA ALA A 182 4.73 -7.64 -5.79
C ALA A 182 5.98 -8.13 -6.53
N ALA A 183 7.14 -8.08 -5.87
CA ALA A 183 8.41 -8.51 -6.49
C ALA A 183 8.38 -9.98 -6.85
N THR A 184 7.79 -10.79 -5.97
CA THR A 184 7.67 -12.23 -6.23
C THR A 184 6.85 -12.46 -7.51
N VAL A 185 5.70 -11.80 -7.58
CA VAL A 185 4.80 -11.97 -8.70
C VAL A 185 5.42 -11.55 -10.05
N LEU A 186 6.22 -10.49 -10.03
CA LEU A 186 6.86 -9.93 -11.23
C LEU A 186 7.99 -10.83 -11.74
N THR A 187 8.50 -11.70 -10.88
CA THR A 187 9.72 -12.49 -11.19
C THR A 187 9.52 -14.00 -11.25
N GLU A 188 8.26 -14.44 -11.23
CA GLU A 188 7.95 -15.86 -11.42
C GLU A 188 6.66 -16.05 -12.20
N GLU A 189 6.55 -17.20 -12.85
CA GLU A 189 5.40 -17.51 -13.68
C GLU A 189 4.25 -17.98 -12.82
N GLY A 190 3.06 -18.00 -13.40
CA GLY A 190 1.94 -18.57 -12.71
C GLY A 190 0.98 -17.54 -12.18
N HIS A 191 1.28 -16.25 -12.31
CA HIS A 191 0.45 -15.21 -11.66
C HIS A 191 -0.36 -14.37 -12.67
N GLU A 192 -0.40 -14.84 -13.92
CA GLU A 192 -1.11 -14.10 -14.92
C GLU A 192 -2.60 -14.29 -14.82
N ASN A 193 -3.32 -13.21 -15.08
CA ASN A 193 -4.78 -13.16 -14.95
C ASN A 193 -5.30 -13.67 -13.63
N LYS A 194 -4.76 -13.14 -12.53
CA LYS A 194 -5.13 -13.61 -11.21
C LYS A 194 -5.29 -12.40 -10.31
N THR A 195 -6.13 -12.53 -9.28
CA THR A 195 -6.31 -11.51 -8.24
C THR A 195 -5.94 -12.18 -6.93
N TYR A 196 -5.22 -11.46 -6.05
CA TYR A 196 -4.85 -11.96 -4.74
C TYR A 196 -5.28 -10.93 -3.76
N ASN A 197 -5.86 -11.36 -2.66
CA ASN A 197 -6.18 -10.46 -1.56
C ASN A 197 -5.07 -10.66 -0.57
N LEU A 198 -4.15 -9.70 -0.51
CA LEU A 198 -2.92 -9.87 0.21
C LEU A 198 -3.09 -9.26 1.58
N VAL A 199 -3.59 -10.08 2.51
CA VAL A 199 -3.92 -9.63 3.87
C VAL A 199 -3.34 -10.66 4.85
N SER A 200 -3.36 -10.33 6.15
CA SER A 200 -3.02 -11.25 7.22
C SER A 200 -4.04 -12.32 7.54
N ASN A 201 -3.54 -13.46 8.03
CA ASN A 201 -4.39 -14.55 8.49
C ASN A 201 -4.14 -14.71 9.98
N GLN A 202 -3.64 -13.63 10.56
CA GLN A 202 -3.41 -13.49 12.00
C GLN A 202 -3.84 -12.05 12.40
N PRO A 203 -5.14 -11.73 12.25
CA PRO A 203 -5.61 -10.38 12.45
C PRO A 203 -5.52 -10.04 13.91
N TRP A 204 -5.67 -8.76 14.20
CA TRP A 204 -5.42 -8.27 15.52
C TRP A 204 -6.46 -7.21 15.89
N THR A 205 -6.52 -6.82 17.17
CA THR A 205 -7.36 -5.70 17.55
C THR A 205 -6.52 -4.62 18.20
N PHE A 206 -7.14 -3.44 18.41
CA PHE A 206 -6.44 -2.37 19.12
C PHE A 206 -6.22 -2.60 20.61
N ASP A 207 -7.07 -3.41 21.22
CA ASP A 207 -6.75 -3.93 22.54
C ASP A 207 -5.47 -4.73 22.54
N GLU A 208 -5.33 -5.62 21.59
CA GLU A 208 -4.14 -6.43 21.44
C GLU A 208 -2.91 -5.61 21.13
N LEU A 209 -3.05 -4.62 20.24
CA LEU A 209 -1.91 -3.74 19.93
C LEU A 209 -1.39 -3.06 21.18
N ALA A 210 -2.32 -2.64 22.05
CA ALA A 210 -1.96 -1.91 23.28
C ALA A 210 -1.25 -2.82 24.30
N GLN A 211 -1.69 -4.09 24.39
CA GLN A 211 -1.05 -5.11 25.27
C GLN A 211 0.35 -5.35 24.75
N ILE A 212 0.49 -5.48 23.43
CA ILE A 212 1.83 -5.65 22.81
C ILE A 212 2.76 -4.44 23.06
N LEU A 213 2.28 -3.22 22.82
N LEU A 213 2.28 -3.23 22.79
CA LEU A 213 3.04 -2.00 23.14
CA LEU A 213 3.01 -2.02 23.14
C LEU A 213 3.43 -1.95 24.62
C LEU A 213 3.46 -2.07 24.59
N SER A 214 2.53 -2.41 25.48
CA SER A 214 2.84 -2.48 26.93
C SER A 214 3.97 -3.48 27.24
N GLU A 215 3.94 -4.64 26.60
CA GLU A 215 4.96 -5.68 26.78
C GLU A 215 6.33 -5.20 26.31
N VAL A 216 6.35 -4.55 25.15
CA VAL A 216 7.57 -4.06 24.50
C VAL A 216 8.20 -2.85 25.24
N SER A 217 7.35 -1.85 25.53
CA SER A 217 7.81 -0.64 26.21
C SER A 217 8.03 -0.80 27.70
N GLY A 218 7.33 -1.76 28.31
CA GLY A 218 7.40 -1.99 29.76
C GLY A 218 6.50 -1.00 30.49
N LYS A 219 5.79 -0.18 29.72
CA LYS A 219 4.90 0.85 30.25
C LYS A 219 3.46 0.52 29.91
N LYS A 220 2.56 0.72 30.87
CA LYS A 220 1.16 0.35 30.67
C LYS A 220 0.37 1.28 29.76
N VAL A 221 -0.12 0.73 28.66
CA VAL A 221 -0.87 1.48 27.64
C VAL A 221 -2.20 0.73 27.41
N VAL A 222 -3.33 1.44 27.35
CA VAL A 222 -4.63 0.83 27.07
C VAL A 222 -5.15 1.34 25.73
N HIS A 223 -5.99 0.57 25.06
CA HIS A 223 -6.78 1.15 23.99
C HIS A 223 -7.88 2.01 24.59
N GLN A 224 -7.91 3.28 24.21
CA GLN A 224 -9.02 4.17 24.54
C GLN A 224 -9.94 4.42 23.32
N PRO A 225 -11.03 3.61 23.16
CA PRO A 225 -11.80 3.83 21.93
C PRO A 225 -12.72 5.02 22.15
N VAL A 226 -12.84 5.89 21.15
CA VAL A 226 -13.67 7.11 21.25
C VAL A 226 -14.57 7.18 20.02
N SER A 227 -15.42 8.22 19.94
CA SER A 227 -16.27 8.42 18.78
C SER A 227 -15.51 9.04 17.62
N PHE A 228 -16.15 9.04 16.45
CA PHE A 228 -15.62 9.65 15.25
C PHE A 228 -15.19 11.10 15.48
N GLU A 229 -16.08 11.89 16.08
CA GLU A 229 -15.82 13.31 16.29
C GLU A 229 -14.76 13.55 17.36
N GLU A 230 -14.74 12.73 18.40
CA GLU A 230 -13.66 12.80 19.35
C GLU A 230 -12.30 12.49 18.70
N GLU A 231 -12.29 11.52 17.79
CA GLU A 231 -11.04 11.13 17.09
C GLU A 231 -10.46 12.30 16.30
N LYS A 232 -11.25 12.78 15.34
CA LYS A 232 -10.93 13.92 14.51
C LYS A 232 -10.47 15.11 15.34
N ASN A 233 -11.10 15.33 16.48
CA ASN A 233 -10.68 16.41 17.36
C ASN A 233 -9.32 16.12 17.97
N PHE A 234 -9.19 14.95 18.57
CA PHE A 234 -7.92 14.43 19.06
C PHE A 234 -6.83 14.69 18.02
N LEU A 235 -7.06 14.22 16.80
CA LEU A 235 -6.10 14.30 15.72
C LEU A 235 -5.73 15.74 15.34
N VAL A 236 -6.75 16.58 15.10
CA VAL A 236 -6.54 17.98 14.75
C VAL A 236 -5.74 18.65 15.85
N ASN A 237 -6.09 18.39 17.09
CA ASN A 237 -5.35 19.07 18.15
C ASN A 237 -3.94 18.55 18.48
N ALA A 238 -3.58 17.44 17.85
CA ALA A 238 -2.23 16.86 17.92
C ALA A 238 -1.40 17.23 16.70
N GLY A 239 -1.91 18.15 15.89
CA GLY A 239 -1.17 18.71 14.77
C GLY A 239 -1.33 17.92 13.50
N VAL A 240 -2.47 17.22 13.37
CA VAL A 240 -2.84 16.53 12.14
C VAL A 240 -3.83 17.36 11.31
N PRO A 241 -3.40 17.85 10.13
CA PRO A 241 -4.22 18.72 9.30
C PRO A 241 -5.56 18.11 8.90
N GLU A 242 -6.60 18.95 8.94
CA GLU A 242 -7.98 18.53 8.88
C GLU A 242 -8.28 17.41 7.92
N PRO A 243 -7.93 17.56 6.61
CA PRO A 243 -8.31 16.50 5.66
C PRO A 243 -7.73 15.15 6.02
N PHE A 244 -6.53 15.11 6.55
CA PHE A 244 -5.90 13.84 6.89
C PHE A 244 -6.55 13.28 8.16
N ALA A 245 -6.81 14.14 9.16
CA ALA A 245 -7.55 13.74 10.37
C ALA A 245 -8.89 13.06 10.04
N GLU A 246 -9.67 13.67 9.15
CA GLU A 246 -10.88 13.08 8.57
C GLU A 246 -10.65 11.75 7.87
N ILE A 247 -9.61 11.69 7.03
CA ILE A 247 -9.26 10.44 6.35
C ILE A 247 -9.01 9.35 7.40
N THR A 248 -8.25 9.68 8.44
CA THR A 248 -7.86 8.75 9.45
C THR A 248 -9.05 8.28 10.30
N ALA A 249 -9.86 9.22 10.80
CA ALA A 249 -11.10 8.86 11.50
C ALA A 249 -12.00 7.97 10.65
N ALA A 250 -12.07 8.22 9.34
CA ALA A 250 -12.93 7.39 8.48
C ALA A 250 -12.39 5.95 8.29
N ILE A 251 -11.08 5.82 8.28
CA ILE A 251 -10.46 4.51 8.20
C ILE A 251 -10.73 3.75 9.50
N TYR A 252 -10.60 4.41 10.65
CA TYR A 252 -10.89 3.74 11.90
C TYR A 252 -12.34 3.38 11.99
N ASP A 253 -13.22 4.27 11.51
CA ASP A 253 -14.66 4.06 11.61
C ASP A 253 -15.00 2.83 10.83
N ALA A 254 -14.41 2.71 9.65
CA ALA A 254 -14.63 1.57 8.79
C ALA A 254 -14.13 0.28 9.44
N ILE A 255 -12.92 0.29 9.98
CA ILE A 255 -12.48 -0.84 10.82
C ILE A 255 -13.53 -1.24 11.92
N SER A 256 -14.09 -0.26 12.62
CA SER A 256 -15.04 -0.55 13.64
C SER A 256 -16.24 -1.28 13.05
N LYS A 257 -16.48 -1.13 11.75
CA LYS A 257 -17.61 -1.79 11.10
C LYS A 257 -17.19 -3.03 10.30
N GLY A 258 -15.99 -3.55 10.53
CA GLY A 258 -15.59 -4.83 9.96
C GLY A 258 -14.90 -4.73 8.61
N GLU A 259 -14.54 -3.51 8.23
CA GLU A 259 -13.83 -3.26 6.94
C GLU A 259 -12.57 -4.06 6.77
N ALA A 260 -11.87 -4.31 7.87
CA ALA A 260 -10.59 -5.01 7.69
C ALA A 260 -10.60 -6.39 8.32
N SER A 261 -11.75 -7.07 8.36
CA SER A 261 -11.87 -8.22 9.26
C SER A 261 -11.77 -9.54 8.50
N LYS A 262 -11.73 -9.48 7.17
CA LYS A 262 -11.71 -10.72 6.39
C LYS A 262 -10.28 -11.12 6.06
N THR A 263 -9.99 -12.42 5.93
CA THR A 263 -8.60 -12.86 5.83
C THR A 263 -8.47 -13.75 4.62
N SER A 264 -7.22 -14.05 4.21
CA SER A 264 -6.99 -14.95 3.06
C SER A 264 -5.61 -15.49 3.34
N ASP A 265 -5.32 -16.62 2.74
CA ASP A 265 -4.00 -17.25 2.85
C ASP A 265 -3.13 -16.88 1.64
N ASP A 266 -3.65 -16.06 0.73
CA ASP A 266 -2.96 -15.73 -0.52
C ASP A 266 -1.55 -15.21 -0.31
N LEU A 267 -1.40 -14.26 0.60
CA LEU A 267 -0.07 -13.66 0.86
C LEU A 267 0.92 -14.64 1.47
N GLN A 268 0.49 -15.32 2.53
CA GLN A 268 1.32 -16.34 3.13
C GLN A 268 1.74 -17.38 2.11
N LYS A 269 0.83 -17.72 1.20
CA LYS A 269 1.19 -18.70 0.18
C LYS A 269 2.19 -18.12 -0.78
N LEU A 270 2.18 -16.80 -0.94
CA LEU A 270 3.07 -16.18 -1.92
C LEU A 270 4.43 -15.90 -1.34
N ILE A 271 4.49 -15.39 -0.12
CA ILE A 271 5.77 -14.98 0.46
C ILE A 271 6.29 -15.84 1.64
N GLY A 272 5.52 -16.83 2.10
CA GLY A 272 5.94 -17.57 3.30
C GLY A 272 5.49 -16.87 4.58
N SER A 273 6.15 -17.16 5.72
CA SER A 273 5.63 -16.71 7.02
C SER A 273 5.49 -15.19 7.08
N LEU A 274 4.50 -14.71 7.81
CA LEU A 274 4.24 -13.27 7.91
C LEU A 274 4.90 -12.74 9.15
N THR A 275 5.18 -11.45 9.19
CA THR A 275 5.89 -10.83 10.31
C THR A 275 4.93 -10.68 11.46
N PRO A 276 5.28 -11.22 12.64
CA PRO A 276 4.37 -11.05 13.78
C PRO A 276 4.28 -9.58 14.17
N LEU A 277 3.15 -9.17 14.71
CA LEU A 277 2.89 -7.78 15.02
C LEU A 277 3.88 -7.26 16.10
N LYS A 278 4.21 -8.11 17.07
CA LYS A 278 5.20 -7.69 18.11
C LYS A 278 6.53 -7.25 17.47
N GLU A 279 6.98 -8.00 16.47
CA GLU A 279 8.24 -7.72 15.76
C GLU A 279 8.19 -6.36 15.05
N THR A 280 7.00 -5.98 14.60
CA THR A 280 6.81 -4.74 13.91
C THR A 280 6.73 -3.61 14.92
N VAL A 281 6.13 -3.87 16.09
CA VAL A 281 6.05 -2.88 17.16
C VAL A 281 7.47 -2.53 17.66
N LYS A 282 8.28 -3.56 17.93
CA LYS A 282 9.63 -3.27 18.39
C LYS A 282 10.50 -2.49 17.38
N GLN A 283 10.39 -2.83 16.08
CA GLN A 283 11.02 -2.04 15.03
C GLN A 283 10.55 -0.57 15.07
N ALA A 284 9.24 -0.35 15.14
CA ALA A 284 8.66 1.02 15.17
C ALA A 284 9.28 1.87 16.30
N LEU A 285 9.49 1.24 17.44
CA LEU A 285 10.15 1.85 18.56
C LEU A 285 11.65 1.60 18.44
PA NAP B . 3.80 7.03 -0.95
O1A NAP B . 3.01 8.28 -0.72
O2A NAP B . 5.07 6.81 -0.19
O5B NAP B . 4.12 6.97 -2.53
C5B NAP B . 3.31 7.55 -3.53
C4B NAP B . 4.17 7.54 -4.80
O4B NAP B . 3.40 7.94 -5.91
C3B NAP B . 5.35 8.52 -4.68
O3B NAP B . 6.48 7.90 -5.27
C2B NAP B . 4.94 9.72 -5.51
O2B NAP B . 5.99 10.42 -6.14
C1B NAP B . 4.09 9.01 -6.55
N9A NAP B . 3.25 10.00 -7.22
C8A NAP B . 2.44 10.95 -6.68
N7A NAP B . 1.88 11.65 -7.70
C5A NAP B . 2.36 11.17 -8.88
C6A NAP B . 2.16 11.51 -10.22
N6A NAP B . 1.34 12.52 -10.56
N1A NAP B . 2.83 10.78 -11.18
C2A NAP B . 3.70 9.76 -10.86
N3A NAP B . 3.90 9.42 -9.54
C4A NAP B . 3.23 10.12 -8.58
O3 NAP B . 2.86 5.72 -0.76
PN NAP B . 3.26 4.20 -0.48
O1N NAP B . 4.43 3.76 -1.27
O2N NAP B . 3.37 4.08 1.03
O5D NAP B . 1.96 3.39 -1.06
C5D NAP B . 1.82 3.25 -2.46
C4D NAP B . 0.42 3.55 -2.99
O4D NAP B . -0.51 2.76 -2.29
C3D NAP B . -0.03 5.00 -2.81
O3D NAP B . 0.15 5.74 -3.99
C2D NAP B . -1.49 4.91 -2.38
O2D NAP B . -2.44 4.96 -3.44
C1D NAP B . -1.62 3.51 -1.82
N1N NAP B . -1.67 3.51 -0.34
C2N NAP B . -2.02 2.39 0.28
C3N NAP B . -2.17 2.24 1.64
C7N NAP B . -2.55 1.03 2.30
O7N NAP B . -2.63 1.15 3.72
N7N NAP B . -2.81 -0.07 1.52
C4N NAP B . -1.90 3.42 2.41
C5N NAP B . -1.53 4.58 1.78
C6N NAP B . -1.43 4.60 0.38
P2B NAP B . 6.88 11.54 -5.33
O1X NAP B . 7.83 10.82 -4.38
O2X NAP B . 5.97 12.50 -4.59
O3X NAP B . 7.70 12.28 -6.39
#